data_5ZYP
#
_entry.id   5ZYP
#
_cell.length_a   95.953
_cell.length_b   95.953
_cell.length_c   115.498
_cell.angle_alpha   90.00
_cell.angle_beta   90.00
_cell.angle_gamma   120.00
#
_symmetry.space_group_name_H-M   'P 32 2 1'
#
loop_
_entity.id
_entity.type
_entity.pdbx_description
1 polymer 'RNA polymerase-associated protein CTR9,RNA polymerase II-associated protein 1'
2 non-polymer 'NICKEL (II) ION'
3 water water
#
_entity_poly.entity_id   1
_entity_poly.type   'polypeptide(L)'
_entity_poly.pdbx_seq_one_letter_code
;(MSE)TNA(MSE)KVEGYPS(MSE)EWPTSLDIPLKASEELVGIDLETDLPDDPTDLKTLLVEENSEKEHWLTIALAYCN
HGKTNEGIKLIE(MSE)ALDVFQNSERASLHTFLTWAHLNLAKGQSLSVETKEHELTQAELNLKDAIGFDPTWIGN
(MSE)LATVELYYQRGHYDKALETSDLFVKSIHAEDHRSGRQSKPNCLFLLLRAKLLYQKKNY(MSE)ASLKIFQELLVI
NPVLQPDPRIGIGLCFWQLKDSK(MSE)AIKSWQRALQLNPKNTSASILVLLGEFRESFTNSTNDKTFKEAFTKALSDLN
NIFSENQHNPVLLTLLQTYYYFKGDENLYFQSETNADSSQLINSLYIKTNVTNLIQQDEDLG(MSE)PVDL(MSE)KFPG
LLNKLDSKLLYGFDNVKLDKDDRILLRDPR
;
_entity_poly.pdbx_strand_id   A
#
# COMPACT_ATOMS: atom_id res chain seq x y z
N TYR A 10 -20.44 -3.62 -0.87
CA TYR A 10 -19.19 -3.85 -1.61
C TYR A 10 -18.50 -5.15 -1.17
N PRO A 11 -17.56 -5.65 -1.97
CA PRO A 11 -16.71 -6.77 -1.53
C PRO A 11 -15.94 -6.40 -0.27
N SER A 12 -15.29 -7.41 0.32
CA SER A 12 -14.65 -7.28 1.63
C SER A 12 -13.22 -7.82 1.59
N GLU A 14 -11.28 -7.72 4.64
CA GLU A 14 -10.99 -7.57 6.05
C GLU A 14 -10.31 -8.82 6.60
N TRP A 15 -9.32 -8.60 7.46
CA TRP A 15 -8.53 -9.70 7.98
C TRP A 15 -9.35 -10.46 9.02
N PRO A 16 -9.26 -11.79 9.04
CA PRO A 16 -9.77 -12.53 10.19
C PRO A 16 -9.29 -11.89 11.48
N THR A 17 -10.20 -11.79 12.43
CA THR A 17 -10.03 -10.97 13.63
C THR A 17 -9.60 -11.80 14.85
N SER A 18 -9.42 -13.11 14.68
CA SER A 18 -9.00 -13.95 15.78
C SER A 18 -8.26 -15.17 15.23
N LEU A 19 -7.45 -15.76 16.10
CA LEU A 19 -6.58 -16.86 15.72
C LEU A 19 -6.63 -17.96 16.79
N ASP A 20 -6.67 -19.22 16.33
CA ASP A 20 -6.65 -20.39 17.19
C ASP A 20 -5.34 -21.13 17.01
N ILE A 21 -4.53 -21.14 18.07
CA ILE A 21 -3.23 -21.82 18.08
C ILE A 21 -3.45 -23.24 18.60
N PRO A 22 -3.20 -24.27 17.80
CA PRO A 22 -3.32 -25.65 18.32
C PRO A 22 -2.25 -25.96 19.36
N LEU A 23 -2.70 -26.41 20.54
CA LEU A 23 -1.79 -26.81 21.59
C LEU A 23 -1.11 -28.13 21.23
N LYS A 24 0.14 -28.29 21.72
CA LYS A 24 1.02 -29.35 21.24
C LYS A 24 0.65 -30.71 21.82
N ALA A 25 0.54 -30.80 23.15
CA ALA A 25 0.30 -32.09 23.79
C ALA A 25 -1.14 -32.57 23.55
N SER A 26 -2.12 -31.75 23.87
CA SER A 26 -3.52 -32.17 23.74
C SER A 26 -4.04 -31.90 22.33
N GLU A 27 -5.34 -31.58 22.22
CA GLU A 27 -5.91 -31.18 20.95
C GLU A 27 -6.87 -30.01 21.10
N GLU A 28 -6.89 -29.33 22.25
CA GLU A 28 -7.56 -28.05 22.38
C GLU A 28 -6.78 -26.96 21.65
N LEU A 29 -7.45 -25.83 21.45
CA LEU A 29 -6.91 -24.70 20.69
C LEU A 29 -6.98 -23.45 21.56
N VAL A 30 -5.88 -22.73 21.66
CA VAL A 30 -5.88 -21.47 22.41
C VAL A 30 -6.24 -20.35 21.44
N GLY A 31 -7.28 -19.60 21.78
CA GLY A 31 -7.79 -18.56 20.91
C GLY A 31 -7.23 -17.21 21.32
N ILE A 32 -6.86 -16.43 20.31
CA ILE A 32 -6.30 -15.09 20.48
C ILE A 32 -7.19 -14.13 19.71
N ASP A 33 -7.60 -13.05 20.37
CA ASP A 33 -8.28 -11.96 19.68
C ASP A 33 -7.22 -10.98 19.18
N LEU A 34 -6.99 -11.01 17.87
CA LEU A 34 -5.92 -10.22 17.26
C LEU A 34 -6.03 -8.73 17.53
N GLU A 35 -7.20 -8.24 17.93
CA GLU A 35 -7.40 -6.80 18.07
C GLU A 35 -7.29 -6.32 19.51
N THR A 36 -7.28 -7.23 20.50
CA THR A 36 -7.06 -6.84 21.90
C THR A 36 -6.11 -7.75 22.66
N ASP A 37 -5.86 -8.97 22.21
CA ASP A 37 -5.08 -9.95 22.97
C ASP A 37 -3.58 -9.88 22.73
N LEU A 38 -3.09 -9.03 21.84
CA LEU A 38 -1.65 -9.01 21.58
C LEU A 38 -0.94 -8.27 22.70
N PRO A 39 0.06 -8.88 23.33
CA PRO A 39 0.82 -8.19 24.38
C PRO A 39 1.77 -7.15 23.81
N ASP A 40 2.08 -6.16 24.65
CA ASP A 40 3.03 -5.13 24.28
C ASP A 40 4.41 -5.71 23.96
N ASP A 41 4.80 -6.78 24.64
CA ASP A 41 6.06 -7.45 24.34
C ASP A 41 5.76 -8.73 23.57
N PRO A 42 6.04 -8.80 22.27
CA PRO A 42 5.69 -9.99 21.50
C PRO A 42 6.49 -11.22 21.89
N THR A 43 7.50 -11.08 22.75
CA THR A 43 8.23 -12.27 23.21
C THR A 43 7.32 -13.26 23.90
N ASP A 44 6.29 -12.76 24.59
CA ASP A 44 5.33 -13.66 25.23
C ASP A 44 4.77 -14.68 24.25
N LEU A 45 4.39 -14.24 23.04
CA LEU A 45 3.86 -15.19 22.05
C LEU A 45 4.95 -16.09 21.51
N LYS A 46 6.13 -15.54 21.22
CA LYS A 46 7.28 -16.36 20.86
C LYS A 46 7.40 -17.57 21.77
N THR A 47 7.37 -17.33 23.09
CA THR A 47 7.38 -18.45 24.03
C THR A 47 6.31 -19.47 23.68
N LEU A 48 5.05 -19.00 23.58
CA LEU A 48 3.93 -19.87 23.19
C LEU A 48 4.19 -20.52 21.85
N LEU A 49 4.54 -19.71 20.85
CA LEU A 49 4.64 -20.23 19.49
C LEU A 49 5.73 -21.29 19.38
N VAL A 50 6.88 -21.05 20.03
CA VAL A 50 7.95 -22.04 20.06
C VAL A 50 7.52 -23.26 20.86
N GLU A 51 6.99 -23.02 22.07
CA GLU A 51 6.67 -24.13 22.96
C GLU A 51 5.68 -25.09 22.33
N GLU A 52 4.60 -24.56 21.76
CA GLU A 52 3.57 -25.41 21.17
C GLU A 52 3.90 -25.82 19.75
N ASN A 53 5.14 -25.61 19.32
CA ASN A 53 5.61 -25.93 17.96
C ASN A 53 4.68 -25.37 16.88
N SER A 54 4.18 -24.15 17.11
CA SER A 54 3.20 -23.54 16.20
C SER A 54 3.73 -23.49 14.77
N GLU A 55 2.79 -23.48 13.83
CA GLU A 55 3.13 -23.41 12.41
C GLU A 55 3.53 -21.99 12.05
N LYS A 56 4.37 -21.89 11.02
CA LYS A 56 4.95 -20.61 10.63
C LYS A 56 3.88 -19.59 10.26
N GLU A 57 2.87 -20.01 9.49
CA GLU A 57 1.86 -19.06 9.06
C GLU A 57 1.20 -18.37 10.24
N HIS A 58 1.24 -18.97 11.43
CA HIS A 58 0.68 -18.32 12.61
C HIS A 58 1.57 -17.19 13.11
N TRP A 59 2.89 -17.38 13.07
CA TRP A 59 3.81 -16.29 13.35
C TRP A 59 3.49 -15.11 12.47
N LEU A 60 3.36 -15.36 11.17
CA LEU A 60 3.05 -14.31 10.20
C LEU A 60 1.72 -13.65 10.52
N THR A 61 0.65 -14.44 10.67
CA THR A 61 -0.67 -13.88 10.93
C THR A 61 -0.64 -12.94 12.12
N ILE A 62 0.04 -13.35 13.19
CA ILE A 62 0.17 -12.51 14.38
C ILE A 62 0.95 -11.23 14.07
N ALA A 63 2.14 -11.37 13.45
CA ALA A 63 2.93 -10.18 13.11
C ALA A 63 2.14 -9.22 12.24
N LEU A 64 1.36 -9.74 11.29
CA LEU A 64 0.55 -8.85 10.45
C LEU A 64 -0.49 -8.12 11.28
N ALA A 65 -1.02 -8.77 12.32
CA ALA A 65 -1.98 -8.13 13.20
C ALA A 65 -1.36 -6.96 13.92
N TYR A 66 -0.15 -7.15 14.49
CA TYR A 66 0.58 -6.01 15.05
C TYR A 66 0.68 -4.89 14.03
N CYS A 67 1.22 -5.18 12.85
CA CYS A 67 1.51 -4.13 11.88
C CYS A 67 0.25 -3.37 11.50
N ASN A 68 -0.83 -4.09 11.21
CA ASN A 68 -2.05 -3.42 10.78
C ASN A 68 -2.80 -2.75 11.93
N HIS A 69 -2.40 -2.99 13.17
CA HIS A 69 -2.95 -2.23 14.27
C HIS A 69 -1.85 -1.39 14.91
N GLY A 70 -1.18 -0.57 14.09
CA GLY A 70 -0.17 0.37 14.53
C GLY A 70 1.06 -0.18 15.23
N LYS A 71 1.35 -1.48 15.14
CA LYS A 71 2.50 -2.00 15.89
C LYS A 71 3.57 -2.68 15.02
N THR A 72 4.17 -1.93 14.09
CA THR A 72 5.09 -2.53 13.12
C THR A 72 6.39 -3.00 13.77
N ASN A 73 6.94 -2.20 14.68
CA ASN A 73 8.13 -2.65 15.40
C ASN A 73 7.89 -4.01 16.03
N GLU A 74 6.71 -4.21 16.62
CA GLU A 74 6.41 -5.50 17.23
C GLU A 74 6.27 -6.57 16.17
N GLY A 75 5.59 -6.25 15.06
CA GLY A 75 5.53 -7.18 13.95
C GLY A 75 6.92 -7.62 13.51
N ILE A 76 7.81 -6.64 13.35
CA ILE A 76 9.19 -6.95 12.94
C ILE A 76 9.90 -7.78 14.01
N LYS A 77 9.80 -7.38 15.28
CA LYS A 77 10.44 -8.14 16.36
C LYS A 77 10.02 -9.61 16.35
N LEU A 78 8.72 -9.88 16.13
CA LEU A 78 8.23 -11.26 16.11
C LEU A 78 8.85 -12.07 14.97
N ILE A 79 8.75 -11.58 13.73
CA ILE A 79 9.29 -12.35 12.62
C ILE A 79 10.81 -12.45 12.70
N GLU A 80 11.48 -11.42 13.20
CA GLU A 80 12.91 -11.57 13.41
C GLU A 80 13.20 -12.68 14.41
N ALA A 82 11.17 -15.32 14.68
CA ALA A 82 10.87 -16.49 13.87
C ALA A 82 12.08 -16.94 13.08
N LEU A 83 12.98 -16.02 12.74
CA LEU A 83 14.17 -16.35 11.97
C LEU A 83 15.17 -17.21 12.75
N ASP A 84 15.05 -17.28 14.07
CA ASP A 84 15.86 -18.17 14.90
C ASP A 84 15.23 -19.53 15.07
N VAL A 85 14.05 -19.75 14.49
CA VAL A 85 13.28 -20.97 14.68
C VAL A 85 13.18 -21.77 13.38
N PHE A 86 12.88 -21.10 12.28
CA PHE A 86 12.65 -21.78 11.01
C PHE A 86 13.94 -21.81 10.19
N GLN A 87 14.09 -22.86 9.40
CA GLN A 87 15.38 -23.16 8.79
C GLN A 87 15.29 -23.16 7.26
N ASN A 88 16.37 -22.72 6.64
CA ASN A 88 16.63 -22.93 5.21
C ASN A 88 15.52 -22.28 4.37
N SER A 89 14.77 -23.04 3.57
CA SER A 89 13.76 -22.44 2.70
C SER A 89 12.54 -21.95 3.46
N GLU A 90 12.29 -22.50 4.65
CA GLU A 90 11.15 -22.02 5.42
C GLU A 90 11.32 -20.56 5.84
N ARG A 91 12.53 -20.01 5.72
CA ARG A 91 12.78 -18.63 6.09
C ARG A 91 12.37 -17.65 5.00
N ALA A 92 12.13 -18.11 3.77
CA ALA A 92 11.86 -17.20 2.67
C ALA A 92 10.69 -16.28 2.99
N SER A 93 9.54 -16.84 3.37
CA SER A 93 8.38 -15.98 3.57
C SER A 93 8.54 -15.08 4.79
N LEU A 94 9.39 -15.46 5.75
CA LEU A 94 9.74 -14.54 6.83
C LEU A 94 10.51 -13.33 6.32
N HIS A 95 11.46 -13.55 5.41
CA HIS A 95 12.18 -12.44 4.78
C HIS A 95 11.25 -11.57 3.94
N THR A 96 10.26 -12.17 3.28
CA THR A 96 9.31 -11.38 2.48
C THR A 96 8.51 -10.44 3.36
N PHE A 97 7.96 -10.95 4.45
CA PHE A 97 7.34 -10.09 5.45
C PHE A 97 8.29 -8.96 5.87
N LEU A 98 9.54 -9.31 6.21
CA LEU A 98 10.44 -8.27 6.68
C LEU A 98 10.73 -7.25 5.59
N THR A 99 10.73 -7.67 4.32
CA THR A 99 10.85 -6.71 3.21
C THR A 99 9.73 -5.68 3.25
N TRP A 100 8.48 -6.15 3.29
CA TRP A 100 7.32 -5.26 3.26
C TRP A 100 7.18 -4.46 4.55
N ALA A 101 7.55 -5.03 5.69
CA ALA A 101 7.55 -4.25 6.91
C ALA A 101 8.52 -3.07 6.80
N HIS A 102 9.72 -3.32 6.24
CA HIS A 102 10.67 -2.24 6.11
C HIS A 102 10.30 -1.28 4.99
N LEU A 103 9.63 -1.76 3.94
CA LEU A 103 9.08 -0.82 2.98
C LEU A 103 8.00 0.07 3.62
N ASN A 104 7.18 -0.49 4.53
CA ASN A 104 6.17 0.33 5.19
C ASN A 104 6.83 1.39 6.07
N LEU A 105 7.76 0.97 6.94
CA LEU A 105 8.56 1.92 7.71
C LEU A 105 9.12 3.00 6.82
N ALA A 106 9.74 2.61 5.71
CA ALA A 106 10.42 3.57 4.87
C ALA A 106 9.49 4.64 4.33
N LYS A 107 8.18 4.36 4.25
CA LYS A 107 7.20 5.35 3.79
C LYS A 107 6.86 6.38 4.86
N GLY A 108 7.39 6.23 6.08
CA GLY A 108 7.26 7.20 7.14
C GLY A 108 7.19 8.64 6.69
N GLN A 109 6.16 9.36 7.16
CA GLN A 109 5.78 10.65 6.59
C GLN A 109 6.88 11.69 6.69
N SER A 110 7.84 11.54 7.59
CA SER A 110 8.80 12.59 7.87
C SER A 110 10.19 12.03 8.05
N LEU A 111 10.56 11.04 7.25
CA LEU A 111 11.91 10.51 7.35
C LEU A 111 12.86 11.39 6.54
N SER A 112 14.04 11.65 7.12
CA SER A 112 15.12 12.21 6.33
C SER A 112 15.60 11.20 5.31
N VAL A 113 16.05 11.70 4.16
CA VAL A 113 16.43 10.86 3.01
C VAL A 113 17.33 9.70 3.40
N GLU A 114 18.18 9.88 4.43
CA GLU A 114 19.04 8.80 4.88
C GLU A 114 18.27 7.72 5.64
N THR A 115 17.45 8.12 6.61
CA THR A 115 16.63 7.14 7.32
C THR A 115 15.77 6.34 6.35
N LYS A 116 15.16 7.02 5.38
CA LYS A 116 14.43 6.34 4.32
C LYS A 116 15.32 5.31 3.65
N GLU A 117 16.48 5.73 3.15
CA GLU A 117 17.36 4.79 2.46
C GLU A 117 17.89 3.72 3.41
N HIS A 118 18.00 4.03 4.71
CA HIS A 118 18.46 3.00 5.64
C HIS A 118 17.41 1.90 5.77
N GLU A 119 16.15 2.29 5.99
CA GLU A 119 15.05 1.33 5.96
C GLU A 119 14.95 0.59 4.62
N LEU A 120 15.10 1.30 3.50
CA LEU A 120 15.01 0.62 2.20
C LEU A 120 16.15 -0.37 2.01
N THR A 121 17.34 -0.07 2.55
CA THR A 121 18.43 -1.06 2.53
C THR A 121 18.03 -2.32 3.30
N GLN A 122 17.43 -2.15 4.49
CA GLN A 122 17.00 -3.30 5.27
C GLN A 122 16.01 -4.14 4.48
N ALA A 123 15.07 -3.49 3.79
CA ALA A 123 14.15 -4.20 2.90
C ALA A 123 14.91 -4.96 1.83
N GLU A 124 15.85 -4.27 1.16
CA GLU A 124 16.60 -4.90 0.09
C GLU A 124 17.36 -6.13 0.59
N LEU A 125 18.00 -6.03 1.76
CA LEU A 125 18.69 -7.19 2.32
C LEU A 125 17.75 -8.38 2.47
N ASN A 126 16.59 -8.16 3.10
CA ASN A 126 15.65 -9.28 3.26
C ASN A 126 15.15 -9.75 1.91
N LEU A 127 14.87 -8.81 1.00
CA LEU A 127 14.47 -9.19 -0.35
C LEU A 127 15.47 -10.16 -0.98
N LYS A 128 16.79 -9.85 -0.87
CA LYS A 128 17.80 -10.74 -1.42
C LYS A 128 17.67 -12.14 -0.82
N ASP A 129 17.46 -12.25 0.49
CA ASP A 129 17.33 -13.58 1.05
C ASP A 129 16.05 -14.25 0.57
N ALA A 130 14.98 -13.49 0.37
CA ALA A 130 13.73 -14.12 -0.07
C ALA A 130 13.88 -14.64 -1.50
N ILE A 131 14.39 -13.79 -2.40
CA ILE A 131 14.50 -14.19 -3.80
C ILE A 131 15.46 -15.37 -3.96
N GLY A 132 16.46 -15.48 -3.08
CA GLY A 132 17.37 -16.62 -3.14
C GLY A 132 16.66 -17.96 -3.00
N PHE A 133 15.60 -17.99 -2.19
CA PHE A 133 14.83 -19.21 -2.00
C PHE A 133 13.63 -19.33 -2.92
N ASP A 134 13.07 -18.21 -3.39
CA ASP A 134 11.77 -18.26 -4.06
C ASP A 134 11.63 -17.10 -5.03
N PRO A 135 12.35 -17.11 -6.15
CA PRO A 135 12.36 -15.92 -7.00
C PRO A 135 11.03 -15.64 -7.66
N THR A 136 10.13 -16.62 -7.78
CA THR A 136 8.89 -16.43 -8.52
C THR A 136 7.72 -16.06 -7.63
N TRP A 137 7.93 -15.96 -6.32
CA TRP A 137 6.85 -15.52 -5.45
C TRP A 137 6.46 -14.08 -5.77
N ILE A 138 5.15 -13.84 -5.96
CA ILE A 138 4.69 -12.52 -6.40
C ILE A 138 4.98 -11.46 -5.32
N GLY A 139 5.01 -11.87 -4.05
CA GLY A 139 5.37 -10.91 -3.01
C GLY A 139 6.76 -10.35 -3.18
N ASN A 140 7.70 -11.17 -3.68
CA ASN A 140 9.07 -10.73 -3.90
C ASN A 140 9.23 -9.96 -5.20
N LEU A 142 6.85 -8.06 -6.66
CA LEU A 142 6.29 -6.72 -6.42
C LEU A 142 7.26 -5.86 -5.62
N ALA A 143 7.98 -6.47 -4.66
CA ALA A 143 8.89 -5.69 -3.82
C ALA A 143 10.06 -5.15 -4.63
N THR A 144 10.55 -5.94 -5.60
CA THR A 144 11.62 -5.47 -6.49
C THR A 144 11.21 -4.20 -7.21
N VAL A 145 9.99 -4.18 -7.76
CA VAL A 145 9.50 -2.99 -8.46
C VAL A 145 9.24 -1.86 -7.48
N GLU A 146 8.67 -2.17 -6.33
CA GLU A 146 8.34 -1.11 -5.37
C GLU A 146 9.61 -0.45 -4.85
N LEU A 147 10.68 -1.23 -4.65
CA LEU A 147 11.96 -0.67 -4.23
C LEU A 147 12.51 0.32 -5.26
N TYR A 148 12.45 -0.03 -6.56
CA TYR A 148 12.91 0.89 -7.59
C TYR A 148 12.10 2.17 -7.55
N TYR A 149 10.77 2.02 -7.44
CA TYR A 149 9.90 3.18 -7.34
C TYR A 149 10.30 4.05 -6.16
N GLN A 150 10.42 3.47 -4.98
CA GLN A 150 10.69 4.27 -3.78
C GLN A 150 12.04 4.96 -3.87
N ARG A 151 12.98 4.40 -4.61
CA ARG A 151 14.28 5.02 -4.81
C ARG A 151 14.29 5.98 -5.99
N GLY A 152 13.12 6.23 -6.60
CA GLY A 152 13.01 7.15 -7.71
C GLY A 152 13.44 6.59 -9.04
N HIS A 153 13.98 5.38 -9.10
CA HIS A 153 14.38 4.79 -10.37
C HIS A 153 13.15 4.34 -11.15
N TYR A 154 12.41 5.30 -11.67
CA TYR A 154 11.14 5.00 -12.31
C TYR A 154 11.31 4.26 -13.62
N ASP A 155 12.38 4.52 -14.37
CA ASP A 155 12.52 3.83 -15.64
C ASP A 155 12.84 2.36 -15.42
N LYS A 156 13.72 2.06 -14.48
CA LYS A 156 14.00 0.67 -14.19
C LYS A 156 12.77 -0.01 -13.61
N ALA A 157 11.99 0.72 -12.82
CA ALA A 157 10.79 0.13 -12.23
C ALA A 157 9.81 -0.28 -13.31
N LEU A 158 9.55 0.62 -14.27
CA LEU A 158 8.62 0.34 -15.35
C LEU A 158 9.14 -0.77 -16.24
N GLU A 159 10.44 -0.80 -16.48
CA GLU A 159 10.99 -1.86 -17.32
C GLU A 159 10.95 -3.20 -16.60
N THR A 160 11.25 -3.20 -15.29
CA THR A 160 11.18 -4.47 -14.54
C THR A 160 9.72 -4.95 -14.47
N SER A 161 8.80 -4.03 -14.20
CA SER A 161 7.38 -4.34 -14.24
C SER A 161 7.00 -5.01 -15.56
N ASP A 162 7.36 -4.37 -16.68
CA ASP A 162 6.95 -4.88 -17.98
C ASP A 162 7.60 -6.24 -18.29
N LEU A 163 8.83 -6.50 -17.84
CA LEU A 163 9.37 -7.85 -18.01
C LEU A 163 8.60 -8.86 -17.18
N PHE A 164 8.20 -8.47 -15.95
CA PHE A 164 7.51 -9.39 -15.06
C PHE A 164 6.16 -9.82 -15.63
N VAL A 165 5.42 -8.89 -16.23
CA VAL A 165 4.11 -9.30 -16.75
C VAL A 165 4.28 -10.14 -18.01
N LYS A 166 5.31 -9.88 -18.82
CA LYS A 166 5.61 -10.80 -19.91
C LYS A 166 5.92 -12.19 -19.38
N SER A 167 6.77 -12.27 -18.33
CA SER A 167 7.11 -13.58 -17.74
C SER A 167 5.85 -14.34 -17.35
N ILE A 168 4.93 -13.66 -16.66
CA ILE A 168 3.74 -14.30 -16.14
C ILE A 168 2.86 -14.72 -17.30
N HIS A 169 2.80 -13.89 -18.34
CA HIS A 169 2.07 -14.28 -19.52
C HIS A 169 2.68 -15.52 -20.17
N ALA A 170 3.99 -15.50 -20.39
CA ALA A 170 4.69 -16.69 -20.87
C ALA A 170 4.34 -17.89 -20.00
N GLU A 171 4.31 -17.69 -18.69
CA GLU A 171 4.02 -18.82 -17.81
C GLU A 171 2.60 -19.35 -17.98
N ASP A 172 1.65 -18.50 -18.38
CA ASP A 172 0.29 -18.98 -18.54
C ASP A 172 0.12 -19.80 -19.81
N HIS A 173 0.87 -19.46 -20.89
CA HIS A 173 0.97 -20.37 -22.02
C HIS A 173 1.56 -21.72 -21.59
N ARG A 174 2.56 -21.69 -20.72
CA ARG A 174 3.22 -22.91 -20.28
C ARG A 174 2.35 -23.75 -19.36
N SER A 175 1.30 -23.18 -18.79
CA SER A 175 0.37 -23.98 -17.99
C SER A 175 -1.03 -23.94 -18.56
N GLY A 176 -1.16 -23.55 -19.82
CA GLY A 176 -2.42 -23.60 -20.53
C GLY A 176 -3.54 -22.79 -19.90
N ARG A 177 -3.20 -21.68 -19.26
CA ARG A 177 -4.16 -20.87 -18.53
C ARG A 177 -4.31 -19.48 -19.15
N GLN A 178 -5.48 -18.90 -18.93
CA GLN A 178 -5.69 -17.49 -19.22
C GLN A 178 -5.14 -16.66 -18.06
N SER A 179 -4.55 -15.52 -18.42
CA SER A 179 -4.03 -14.60 -17.44
C SER A 179 -5.16 -13.76 -16.83
N LYS A 180 -4.97 -13.41 -15.56
CA LYS A 180 -5.86 -12.52 -14.84
C LYS A 180 -5.08 -11.28 -14.44
N PRO A 181 -5.52 -10.07 -14.78
CA PRO A 181 -4.78 -8.86 -14.38
C PRO A 181 -4.54 -8.81 -12.88
N ASN A 182 -3.29 -8.50 -12.52
CA ASN A 182 -2.88 -8.39 -11.13
C ASN A 182 -3.00 -6.92 -10.71
N CYS A 183 -3.79 -6.65 -9.67
CA CYS A 183 -4.13 -5.26 -9.35
C CYS A 183 -2.90 -4.46 -8.94
N LEU A 184 -1.93 -5.07 -8.28
CA LEU A 184 -0.79 -4.29 -7.83
C LEU A 184 0.22 -4.06 -8.95
N PHE A 185 0.33 -4.98 -9.91
CA PHE A 185 1.12 -4.67 -11.11
C PHE A 185 0.50 -3.52 -11.89
N LEU A 186 -0.84 -3.49 -12.01
CA LEU A 186 -1.51 -2.38 -12.68
C LEU A 186 -1.35 -1.08 -11.90
N LEU A 187 -1.49 -1.15 -10.57
CA LEU A 187 -1.31 0.04 -9.75
C LEU A 187 0.10 0.58 -9.91
N LEU A 188 1.09 -0.32 -9.93
CA LEU A 188 2.47 0.14 -10.11
C LEU A 188 2.65 0.73 -11.50
N ARG A 189 2.06 0.11 -12.52
CA ARG A 189 2.16 0.68 -13.86
C ARG A 189 1.49 2.05 -13.91
N ALA A 190 0.27 2.16 -13.36
CA ALA A 190 -0.44 3.44 -13.41
C ALA A 190 0.36 4.54 -12.73
N LYS A 191 1.04 4.22 -11.62
CA LYS A 191 1.82 5.22 -10.88
C LYS A 191 3.10 5.58 -11.63
N LEU A 192 3.80 4.58 -12.17
CA LEU A 192 4.95 4.87 -13.01
C LEU A 192 4.57 5.71 -14.22
N LEU A 193 3.45 5.38 -14.88
CA LEU A 193 3.00 6.16 -16.03
C LEU A 193 2.75 7.62 -15.65
N TYR A 194 2.13 7.86 -14.48
CA TYR A 194 1.92 9.21 -14.00
C TYR A 194 3.25 9.92 -13.71
N GLN A 195 4.26 9.20 -13.22
CA GLN A 195 5.58 9.80 -13.05
C GLN A 195 6.17 10.22 -14.39
N LYS A 196 5.92 9.45 -15.44
CA LYS A 196 6.34 9.80 -16.80
C LYS A 196 5.43 10.82 -17.46
N LYS A 197 4.44 11.36 -16.76
CA LYS A 197 3.54 12.41 -17.24
C LYS A 197 2.59 11.93 -18.33
N ASN A 198 2.59 10.65 -18.65
CA ASN A 198 1.55 10.04 -19.48
C ASN A 198 0.28 9.87 -18.62
N TYR A 199 -0.38 11.01 -18.38
CA TYR A 199 -1.54 11.03 -17.51
C TYR A 199 -2.76 10.34 -18.12
N ALA A 201 -2.68 7.50 -20.23
CA ALA A 201 -2.52 6.07 -20.01
C ALA A 201 -2.62 5.73 -18.53
N SER A 202 -2.07 6.59 -17.67
CA SER A 202 -2.23 6.38 -16.23
C SER A 202 -3.71 6.33 -15.86
N LEU A 203 -4.48 7.33 -16.29
CA LEU A 203 -5.89 7.41 -15.88
C LEU A 203 -6.66 6.16 -16.27
N LYS A 204 -6.40 5.62 -17.47
CA LYS A 204 -7.14 4.44 -17.90
C LYS A 204 -6.88 3.27 -16.97
N ILE A 205 -5.63 3.07 -16.54
CA ILE A 205 -5.32 1.97 -15.64
C ILE A 205 -5.98 2.18 -14.28
N PHE A 206 -5.93 3.40 -13.74
CA PHE A 206 -6.58 3.63 -12.45
C PHE A 206 -8.06 3.33 -12.54
N GLN A 207 -8.67 3.69 -13.66
CA GLN A 207 -10.10 3.46 -13.83
C GLN A 207 -10.38 1.97 -14.00
N GLU A 208 -9.50 1.27 -14.73
CA GLU A 208 -9.60 -0.19 -14.80
C GLU A 208 -9.62 -0.80 -13.40
N LEU A 209 -8.74 -0.31 -12.51
CA LEU A 209 -8.65 -0.82 -11.14
C LEU A 209 -9.95 -0.61 -10.38
N LEU A 210 -10.61 0.54 -10.59
CA LEU A 210 -11.83 0.85 -9.86
C LEU A 210 -12.92 -0.20 -10.14
N VAL A 211 -13.01 -0.67 -11.39
CA VAL A 211 -14.04 -1.65 -11.72
C VAL A 211 -13.63 -3.06 -11.26
N ILE A 212 -12.33 -3.36 -11.24
CA ILE A 212 -11.86 -4.69 -10.85
C ILE A 212 -11.99 -4.90 -9.35
N ASN A 213 -11.75 -3.86 -8.57
CA ASN A 213 -11.67 -3.99 -7.12
C ASN A 213 -11.96 -2.64 -6.50
N PRO A 214 -13.24 -2.26 -6.38
CA PRO A 214 -13.60 -0.96 -5.78
C PRO A 214 -13.25 -0.83 -4.29
N VAL A 215 -12.75 -1.89 -3.66
CA VAL A 215 -12.30 -1.78 -2.27
C VAL A 215 -10.79 -2.00 -2.20
N LEU A 216 -10.10 -1.67 -3.30
CA LEU A 216 -8.66 -1.87 -3.38
C LEU A 216 -7.90 -0.89 -2.48
N GLN A 217 -6.99 -1.42 -1.68
CA GLN A 217 -6.04 -0.56 -0.96
C GLN A 217 -4.64 -0.67 -1.58
N PRO A 218 -4.01 0.49 -1.87
CA PRO A 218 -4.52 1.84 -1.71
C PRO A 218 -5.64 2.22 -2.72
N ASP A 219 -6.40 3.24 -2.37
CA ASP A 219 -7.56 3.64 -3.14
C ASP A 219 -7.13 4.11 -4.53
N PRO A 220 -7.51 3.41 -5.61
CA PRO A 220 -7.18 3.90 -6.95
C PRO A 220 -7.90 5.20 -7.32
N ARG A 221 -8.93 5.61 -6.56
CA ARG A 221 -9.57 6.89 -6.82
C ARG A 221 -8.64 8.07 -6.57
N ILE A 222 -7.70 7.95 -5.62
CA ILE A 222 -6.68 8.98 -5.45
C ILE A 222 -5.96 9.21 -6.76
N GLY A 223 -5.55 8.12 -7.41
CA GLY A 223 -4.90 8.23 -8.71
C GLY A 223 -5.83 8.78 -9.78
N ILE A 224 -7.11 8.38 -9.75
CA ILE A 224 -8.06 8.94 -10.71
C ILE A 224 -8.08 10.45 -10.58
N GLY A 225 -8.13 10.95 -9.34
CA GLY A 225 -8.17 12.39 -9.14
C GLY A 225 -6.88 13.08 -9.54
N LEU A 226 -5.74 12.45 -9.28
CA LEU A 226 -4.48 13.09 -9.65
C LEU A 226 -4.32 13.16 -11.16
N CYS A 227 -4.90 12.20 -11.88
CA CYS A 227 -4.84 12.23 -13.34
C CYS A 227 -5.73 13.33 -13.91
N PHE A 228 -6.97 13.41 -13.43
CA PHE A 228 -7.85 14.50 -13.81
C PHE A 228 -7.18 15.85 -13.53
N TRP A 229 -6.60 16.00 -12.35
CA TRP A 229 -5.97 17.25 -11.97
C TRP A 229 -4.84 17.63 -12.91
N GLN A 230 -3.94 16.70 -13.19
CA GLN A 230 -2.87 16.99 -14.13
C GLN A 230 -3.40 17.17 -15.56
N LEU A 231 -4.59 16.67 -15.86
CA LEU A 231 -5.22 16.93 -17.16
C LEU A 231 -6.15 18.14 -17.14
N LYS A 232 -6.12 18.94 -16.07
CA LYS A 232 -6.78 20.25 -15.93
C LYS A 232 -8.29 20.17 -15.65
N ASP A 233 -8.89 18.98 -15.54
CA ASP A 233 -10.29 18.84 -15.12
C ASP A 233 -10.37 18.80 -13.58
N SER A 234 -9.98 19.92 -12.98
CA SER A 234 -9.93 20.03 -11.52
C SER A 234 -11.28 19.80 -10.85
N LYS A 235 -12.39 19.90 -11.58
CA LYS A 235 -13.69 19.60 -10.98
C LYS A 235 -13.79 18.14 -10.58
N ALA A 237 -11.24 15.71 -10.47
CA ALA A 237 -10.20 15.43 -9.48
C ALA A 237 -10.80 15.51 -8.08
N ILE A 238 -11.52 16.60 -7.82
CA ILE A 238 -12.08 16.83 -6.49
C ILE A 238 -13.21 15.85 -6.22
N LYS A 239 -13.92 15.41 -7.25
CA LYS A 239 -14.97 14.43 -7.00
C LYS A 239 -14.37 13.06 -6.71
N SER A 240 -13.30 12.68 -7.41
CA SER A 240 -12.62 11.41 -7.11
C SER A 240 -12.16 11.40 -5.66
N TRP A 241 -11.57 12.50 -5.21
CA TRP A 241 -10.97 12.58 -3.89
C TRP A 241 -12.04 12.58 -2.80
N GLN A 242 -13.16 13.24 -3.04
CA GLN A 242 -14.26 13.22 -2.08
C GLN A 242 -14.89 11.85 -1.99
N ARG A 243 -14.88 11.09 -3.10
CA ARG A 243 -15.37 9.71 -3.06
C ARG A 243 -14.42 8.83 -2.27
N ALA A 244 -13.12 9.10 -2.40
CA ALA A 244 -12.14 8.37 -1.59
C ALA A 244 -12.34 8.67 -0.12
N LEU A 245 -12.40 9.95 0.25
CA LEU A 245 -12.56 10.33 1.64
C LEU A 245 -13.90 9.92 2.20
N GLN A 246 -14.89 9.66 1.33
CA GLN A 246 -16.19 9.20 1.79
C GLN A 246 -16.16 7.72 2.14
N LEU A 247 -15.58 6.90 1.27
CA LEU A 247 -15.51 5.47 1.52
C LEU A 247 -14.61 5.11 2.69
N ASN A 248 -13.81 6.05 3.19
CA ASN A 248 -12.79 5.78 4.19
C ASN A 248 -12.30 7.10 4.76
N PRO A 249 -13.00 7.67 5.74
CA PRO A 249 -12.58 8.99 6.28
C PRO A 249 -11.22 8.98 6.97
N LYS A 250 -10.61 7.83 7.17
CA LYS A 250 -9.24 7.83 7.68
C LYS A 250 -8.23 8.13 6.58
N ASN A 251 -8.67 8.28 5.33
CA ASN A 251 -7.69 8.46 4.27
C ASN A 251 -7.13 9.88 4.31
N THR A 252 -6.02 10.05 5.02
CA THR A 252 -5.45 11.39 5.18
C THR A 252 -5.11 12.01 3.82
N SER A 253 -4.57 11.22 2.89
CA SER A 253 -4.22 11.78 1.60
C SER A 253 -5.44 12.35 0.89
N ALA A 254 -6.57 11.62 0.95
CA ALA A 254 -7.81 12.15 0.40
C ALA A 254 -8.18 13.48 1.06
N SER A 255 -8.12 13.53 2.39
CA SER A 255 -8.47 14.77 3.09
C SER A 255 -7.65 15.96 2.61
N ILE A 256 -6.32 15.82 2.62
CA ILE A 256 -5.45 16.92 2.20
C ILE A 256 -5.70 17.28 0.75
N LEU A 257 -6.07 16.31 -0.08
CA LEU A 257 -6.34 16.63 -1.48
C LEU A 257 -7.66 17.35 -1.63
N VAL A 258 -8.68 16.91 -0.90
CA VAL A 258 -9.99 17.57 -0.99
C VAL A 258 -9.86 19.03 -0.57
N LEU A 259 -9.13 19.29 0.52
CA LEU A 259 -9.05 20.67 0.99
C LEU A 259 -8.10 21.50 0.14
N LEU A 260 -6.95 20.94 -0.26
CA LEU A 260 -6.07 21.68 -1.15
C LEU A 260 -6.71 21.95 -2.50
N GLY A 261 -7.61 21.08 -2.93
CA GLY A 261 -8.31 21.26 -4.19
C GLY A 261 -9.43 22.27 -4.07
N GLU A 262 -10.25 22.15 -3.04
CA GLU A 262 -11.31 23.13 -2.80
C GLU A 262 -10.77 24.53 -2.49
N PHE A 263 -9.51 24.63 -2.09
CA PHE A 263 -8.86 25.91 -1.78
C PHE A 263 -8.23 26.53 -3.02
N ARG A 264 -8.95 26.47 -4.13
CA ARG A 264 -8.60 27.20 -5.34
C ARG A 264 -9.85 27.79 -5.98
N ALA A 283 -9.19 35.52 5.13
CA ALA A 283 -10.48 34.81 5.04
C ALA A 283 -10.26 33.35 4.70
N LEU A 284 -10.17 33.07 3.39
CA LEU A 284 -10.03 31.70 2.89
C LEU A 284 -8.89 30.96 3.59
N SER A 285 -7.70 31.57 3.61
CA SER A 285 -6.50 30.97 4.19
C SER A 285 -6.60 30.84 5.71
N ASP A 286 -7.77 31.16 6.27
CA ASP A 286 -8.07 30.79 7.64
C ASP A 286 -8.99 29.58 7.69
N LEU A 287 -9.97 29.52 6.78
CA LEU A 287 -10.99 28.47 6.83
C LEU A 287 -10.41 27.08 6.66
N ASN A 288 -9.19 26.96 6.14
CA ASN A 288 -8.62 25.63 5.92
C ASN A 288 -7.41 25.31 6.80
N ASN A 289 -6.76 26.31 7.40
CA ASN A 289 -5.81 26.00 8.47
C ASN A 289 -6.51 25.36 9.65
N ILE A 290 -7.77 25.74 9.87
CA ILE A 290 -8.56 25.13 10.92
C ILE A 290 -9.10 23.77 10.47
N PHE A 291 -9.42 23.62 9.18
CA PHE A 291 -9.75 22.30 8.68
C PHE A 291 -8.52 21.44 8.44
N SER A 292 -7.34 22.05 8.27
CA SER A 292 -6.10 21.29 8.17
C SER A 292 -5.53 20.89 9.53
N GLU A 293 -6.13 21.33 10.64
CA GLU A 293 -5.67 20.84 11.94
C GLU A 293 -6.44 19.63 12.41
N ASN A 294 -7.64 19.40 11.87
CA ASN A 294 -8.43 18.21 12.18
C ASN A 294 -7.62 16.96 11.93
N GLN A 295 -7.37 16.66 10.66
CA GLN A 295 -6.56 15.51 10.27
C GLN A 295 -5.13 15.68 10.74
N VAL A 299 2.35 20.23 5.04
CA VAL A 299 1.45 21.09 4.28
C VAL A 299 1.16 22.37 5.03
N LEU A 300 0.99 22.26 6.36
CA LEU A 300 0.62 23.43 7.16
C LEU A 300 1.75 24.44 7.28
N LEU A 301 3.00 24.00 7.10
CA LEU A 301 4.12 24.93 7.04
C LEU A 301 4.00 25.87 5.85
N THR A 302 4.20 25.34 4.63
CA THR A 302 4.18 26.18 3.43
C THR A 302 2.86 26.90 3.27
N LEU A 303 1.77 26.34 3.79
CA LEU A 303 0.53 27.11 3.89
C LEU A 303 0.72 28.35 4.74
N LEU A 304 1.56 28.29 5.78
CA LEU A 304 1.84 29.47 6.60
C LEU A 304 2.92 30.37 6.01
N GLN A 305 3.88 29.80 5.26
CA GLN A 305 4.73 30.64 4.42
C GLN A 305 3.90 31.55 3.53
N THR A 306 2.82 31.02 2.94
CA THR A 306 1.99 31.81 2.06
C THR A 306 1.16 32.86 2.78
N TYR A 307 1.28 33.00 4.09
CA TYR A 307 0.76 34.20 4.73
C TYR A 307 1.74 35.37 4.61
N TYR A 308 3.00 35.11 4.24
CA TYR A 308 4.04 36.13 4.01
C TYR A 308 3.91 37.38 4.91
N GLN A 328 -3.90 44.27 -8.55
CA GLN A 328 -2.73 43.41 -8.78
C GLN A 328 -2.75 42.15 -7.89
N LEU A 329 -3.13 41.04 -8.53
CA LEU A 329 -3.21 39.74 -7.86
C LEU A 329 -2.18 38.78 -8.45
N ILE A 330 -0.94 39.26 -8.58
CA ILE A 330 0.21 38.37 -8.56
C ILE A 330 0.10 37.40 -7.40
N ASN A 331 -0.45 37.85 -6.26
CA ASN A 331 -0.57 37.02 -5.08
C ASN A 331 -1.49 35.81 -5.31
N SER A 332 -2.59 36.00 -6.03
CA SER A 332 -3.51 34.88 -6.23
C SER A 332 -2.88 33.77 -7.05
N LEU A 333 -1.99 34.12 -7.98
CA LEU A 333 -1.20 33.13 -8.69
C LEU A 333 -0.12 32.49 -7.83
N TYR A 334 0.30 33.17 -6.76
CA TYR A 334 1.28 32.61 -5.85
C TYR A 334 0.64 31.53 -4.98
N ILE A 335 -0.46 31.85 -4.31
CA ILE A 335 -1.15 30.82 -3.54
C ILE A 335 -1.59 29.68 -4.47
N LYS A 336 -2.01 30.03 -5.69
CA LYS A 336 -2.40 29.03 -6.68
C LYS A 336 -1.24 28.10 -7.05
N THR A 337 -0.07 28.68 -7.37
CA THR A 337 1.09 27.84 -7.68
C THR A 337 1.47 26.96 -6.51
N ASN A 338 1.53 27.55 -5.32
CA ASN A 338 1.99 26.81 -4.15
C ASN A 338 1.07 25.63 -3.85
N VAL A 339 -0.24 25.84 -3.89
CA VAL A 339 -1.17 24.74 -3.66
C VAL A 339 -0.93 23.63 -4.67
N THR A 340 -0.67 24.00 -5.93
CA THR A 340 -0.38 23.01 -6.97
C THR A 340 0.91 22.27 -6.68
N ASN A 341 1.96 22.99 -6.26
CA ASN A 341 3.23 22.34 -6.00
C ASN A 341 3.09 21.28 -4.92
N LEU A 342 2.42 21.62 -3.82
CA LEU A 342 2.35 20.69 -2.71
C LEU A 342 1.29 19.61 -2.92
N ILE A 343 0.29 19.86 -3.78
CA ILE A 343 -0.57 18.75 -4.21
C ILE A 343 0.26 17.70 -4.96
N GLN A 344 1.39 18.11 -5.53
CA GLN A 344 2.29 17.21 -6.25
C GLN A 344 3.53 16.84 -5.46
N GLN A 345 3.58 17.13 -4.15
CA GLN A 345 4.85 16.94 -3.45
C GLN A 345 5.09 15.49 -3.07
N ASP A 346 4.02 14.72 -2.86
CA ASP A 346 4.14 13.35 -2.41
C ASP A 346 4.40 12.45 -3.61
N GLU A 347 5.65 11.99 -3.74
CA GLU A 347 6.04 11.09 -4.81
C GLU A 347 5.35 9.75 -4.72
N ASP A 348 4.75 9.43 -3.58
CA ASP A 348 3.99 8.20 -3.44
C ASP A 348 2.55 8.34 -3.94
N LEU A 349 2.14 9.58 -4.27
CA LEU A 349 0.87 9.84 -4.95
C LEU A 349 -0.33 9.51 -4.06
N GLY A 350 -0.14 9.55 -2.74
CA GLY A 350 -1.22 9.24 -1.83
C GLY A 350 -1.72 7.82 -1.91
N PRO A 352 0.04 4.37 -1.06
CA PRO A 352 1.14 3.49 -0.68
C PRO A 352 0.80 2.03 -0.94
N VAL A 353 1.68 1.36 -1.67
CA VAL A 353 1.53 -0.07 -1.96
C VAL A 353 1.96 -0.86 -0.73
N ASP A 354 1.01 -1.58 -0.13
CA ASP A 354 1.21 -2.22 1.16
C ASP A 354 0.64 -3.63 1.09
N LEU A 355 1.50 -4.64 0.98
CA LEU A 355 0.98 -6.00 0.88
C LEU A 355 0.29 -6.47 2.14
N LYS A 357 -2.32 -5.36 3.37
CA LYS A 357 -3.74 -5.11 3.25
C LYS A 357 -4.45 -6.24 2.52
N PHE A 358 -3.76 -7.32 2.23
CA PHE A 358 -4.32 -8.42 1.44
C PHE A 358 -4.36 -9.68 2.28
N PRO A 359 -5.49 -9.99 2.91
CA PRO A 359 -5.62 -11.22 3.69
C PRO A 359 -5.21 -12.45 2.90
N GLY A 360 -4.40 -13.30 3.55
CA GLY A 360 -3.89 -14.52 2.95
C GLY A 360 -2.57 -14.39 2.22
N LEU A 361 -2.16 -13.16 1.85
CA LEU A 361 -1.02 -12.99 0.95
C LEU A 361 0.32 -13.20 1.66
N LEU A 362 0.61 -12.43 2.69
CA LEU A 362 1.89 -12.54 3.35
C LEU A 362 1.91 -13.58 4.46
N ASN A 363 0.77 -14.18 4.77
CA ASN A 363 0.74 -15.16 5.84
C ASN A 363 0.42 -16.58 5.38
N LYS A 364 -0.06 -16.77 4.14
CA LYS A 364 -0.41 -18.09 3.65
C LYS A 364 0.05 -18.36 2.22
N LEU A 365 0.80 -17.45 1.60
CA LEU A 365 1.11 -17.53 0.18
C LEU A 365 -0.12 -17.69 -0.70
N ASP A 366 -1.23 -17.05 -0.34
CA ASP A 366 -2.40 -17.04 -1.20
C ASP A 366 -2.52 -15.63 -1.78
N SER A 367 -2.34 -15.51 -3.10
CA SER A 367 -2.39 -14.20 -3.75
C SER A 367 -3.72 -13.92 -4.43
N LYS A 368 -4.75 -14.68 -4.07
CA LYS A 368 -6.04 -14.58 -4.75
C LYS A 368 -6.57 -13.15 -4.75
N LEU A 369 -6.51 -12.46 -3.60
CA LEU A 369 -7.10 -11.12 -3.49
C LEU A 369 -6.45 -10.08 -4.39
N LEU A 370 -5.24 -10.35 -4.91
CA LEU A 370 -4.63 -9.45 -5.88
C LEU A 370 -5.38 -9.41 -7.20
N TYR A 371 -6.33 -10.31 -7.42
CA TYR A 371 -7.07 -10.30 -8.68
C TYR A 371 -8.45 -9.70 -8.52
N GLY A 372 -8.81 -9.30 -7.30
CA GLY A 372 -10.04 -8.57 -7.08
C GLY A 372 -11.29 -9.41 -7.13
N PHE A 373 -12.36 -8.85 -7.71
CA PHE A 373 -13.67 -9.48 -7.63
C PHE A 373 -14.33 -9.41 -9.00
N ASP A 374 -15.26 -10.35 -9.24
CA ASP A 374 -15.75 -10.54 -10.61
C ASP A 374 -17.11 -9.93 -10.88
N ASN A 375 -17.89 -9.58 -9.86
CA ASN A 375 -19.13 -8.85 -10.05
C ASN A 375 -18.95 -7.42 -9.56
N VAL A 376 -19.33 -6.45 -10.37
CA VAL A 376 -19.09 -5.05 -10.05
C VAL A 376 -20.45 -4.39 -9.85
N LYS A 377 -20.80 -4.19 -8.58
CA LYS A 377 -21.95 -3.36 -8.21
C LYS A 377 -21.61 -1.89 -8.28
N LEU A 378 -20.90 -1.47 -9.32
CA LEU A 378 -20.21 -0.19 -9.29
C LEU A 378 -21.16 0.97 -9.02
N ASP A 379 -21.12 1.47 -7.78
CA ASP A 379 -22.04 2.51 -7.29
C ASP A 379 -22.08 3.74 -8.17
N LYS A 380 -23.13 4.53 -7.98
CA LYS A 380 -23.35 5.69 -8.83
C LYS A 380 -22.17 6.65 -8.72
N ASP A 381 -21.68 6.90 -7.51
CA ASP A 381 -20.59 7.85 -7.35
C ASP A 381 -19.23 7.28 -7.75
N ASP A 382 -19.13 5.98 -8.03
CA ASP A 382 -17.92 5.43 -8.61
C ASP A 382 -17.97 5.38 -10.13
N ARG A 383 -19.12 5.02 -10.69
CA ARG A 383 -19.23 4.92 -12.14
C ARG A 383 -19.00 6.27 -12.80
N ILE A 384 -19.36 7.36 -12.11
CA ILE A 384 -19.04 8.70 -12.62
C ILE A 384 -17.56 8.80 -12.92
N LEU A 385 -16.72 8.29 -12.00
CA LEU A 385 -15.28 8.43 -12.12
C LEU A 385 -14.70 7.65 -13.29
N LEU A 386 -15.48 6.81 -13.96
CA LEU A 386 -15.02 6.09 -15.14
C LEU A 386 -14.97 6.97 -16.38
N ARG A 387 -15.49 8.19 -16.31
CA ARG A 387 -15.66 9.03 -17.47
C ARG A 387 -14.31 9.61 -17.92
N ASP A 388 -14.28 10.15 -19.14
CA ASP A 388 -13.09 10.74 -19.73
C ASP A 388 -12.97 12.20 -19.33
N PRO A 389 -11.84 12.86 -19.64
CA PRO A 389 -11.78 14.30 -19.37
C PRO A 389 -12.35 15.16 -20.51
#